data_7D0Z
#
_entry.id   7D0Z
#
loop_
_entity.id
_entity.type
_entity.pdbx_description
1 polymer "DNA (5'-D(*(DCZ)P*CP*TP*GP*CP*CP*TP*G)-3')"
2 non-polymer 'SODIUM ION'
#
_entity_poly.entity_id   1
_entity_poly.type   'polydeoxyribonucleotide'
_entity_poly.pdbx_seq_one_letter_code
;(DCZ)(DC)(DT)(DG)(DC)(DC)(DT)(DG)
;
_entity_poly.pdbx_strand_id   A
#
loop_
_chem_comp.id
_chem_comp.type
_chem_comp.name
_chem_comp.formula
DC DNA linking 2'-DEOXYCYTIDINE-5'-MONOPHOSPHATE 'C9 H14 N3 O7 P'
DCZ DNA OH 5 prime terminus 2'-DEOXYCYTIDINE 'C9 H13 N3 O4'
DG DNA linking 2'-DEOXYGUANOSINE-5'-MONOPHOSPHATE 'C10 H14 N5 O7 P'
DT DNA linking THYMIDINE-5'-MONOPHOSPHATE 'C10 H15 N2 O8 P'
NA non-polymer 'SODIUM ION' 'Na 1'
#
# COMPACT_ATOMS: atom_id res chain seq x y z
N1 DCZ A 1 0.60 0.23 0.10
C2 DCZ A 1 -0.63 0.76 -0.32
N3 DCZ A 1 -0.68 2.04 -0.77
C4 DCZ A 1 0.42 2.80 -0.82
C5 DCZ A 1 1.69 2.29 -0.38
C6 DCZ A 1 1.73 1.02 0.07
O2 DCZ A 1 -1.66 0.08 -0.29
N4 DCZ A 1 0.33 4.05 -1.28
C1' DCZ A 1 0.66 -1.20 0.50
C2' DCZ A 1 1.72 -2.02 -0.25
C3' DCZ A 1 2.15 -3.08 0.76
C4' DCZ A 1 1.88 -2.37 2.10
O4' DCZ A 1 0.95 -1.32 1.88
O3' DCZ A 1 1.33 -4.23 0.71
C5' DCZ A 1 3.15 -1.84 2.77
O5' DCZ A 1 3.88 -0.95 1.93
H3 DCZ A 1 -1.57 2.40 -1.09
H5 DCZ A 1 2.60 2.87 -0.42
H6 DCZ A 1 2.68 0.60 0.39
HN41 DCZ A 1 1.15 4.64 -1.31
HN42 DCZ A 1 -0.56 4.42 -1.63
H1' DCZ A 1 -0.32 -1.64 0.33
H2'1 DCZ A 1 1.30 -2.44 -1.16
H2'2 DCZ A 1 2.58 -1.41 -0.50
H3' DCZ A 1 3.21 -3.36 0.67
H4' DCZ A 1 1.42 -3.09 2.79
H5'1 DCZ A 1 3.80 -2.69 3.01
H5'2 DCZ A 1 2.89 -1.32 3.68
HO5' DCZ A 1 4.69 -0.70 2.37
NA NA B . -13.04 0.71 -0.88
NA NA C . -10.55 0.09 -6.93
NA NA D . -5.33 3.66 8.65
NA NA E . -0.81 6.16 5.14
NA NA F . 3.65 -7.00 -1.15
N1 DCZ A 1 0.33 0.03 -0.43
C2 DCZ A 1 -0.93 0.38 -0.94
N3 DCZ A 1 -1.06 1.58 -1.59
C4 DCZ A 1 0.00 2.39 -1.77
C5 DCZ A 1 1.30 2.03 -1.28
C6 DCZ A 1 1.42 0.85 -0.62
O2 DCZ A 1 -1.90 -0.35 -0.81
N4 DCZ A 1 -0.19 3.54 -2.42
C1' DCZ A 1 0.48 -1.31 0.19
C2' DCZ A 1 1.46 -2.21 -0.57
C3' DCZ A 1 2.03 -3.15 0.49
C4' DCZ A 1 1.80 -2.35 1.79
O4' DCZ A 1 1.01 -1.21 1.51
O3' DCZ A 1 1.28 -4.36 0.59
C5' DCZ A 1 3.12 -1.92 2.43
O5' DCZ A 1 3.87 -1.07 1.57
H3 DCZ A 1 -1.96 1.83 -1.95
H5 DCZ A 1 2.17 2.64 -1.43
H6 DCZ A 1 2.38 0.55 -0.23
HN41 DCZ A 1 0.58 4.20 -2.50
HN42 DCZ A 1 -1.11 3.81 -2.76
H1' DCZ A 1 -0.51 -1.77 0.26
H2'1 DCZ A 1 0.94 -2.74 -1.37
H2'2 DCZ A 1 2.28 -1.63 -1.00
H3' DCZ A 1 3.09 -3.37 0.33
H4' DCZ A 1 1.26 -2.97 2.50
H5'1 DCZ A 1 2.93 -1.40 3.37
H5'2 DCZ A 1 3.71 -2.81 2.66
HO5' DCZ A 1 4.70 -0.86 1.99
NA NA B . -12.84 1.06 -1.04
NA NA C . -10.50 0.08 -7.31
NA NA D . -5.64 2.55 8.16
NA NA E . -6.22 -4.48 -7.67
NA NA F . 3.60 -7.32 -0.87
N1 DCZ A 1 0.31 0.48 -0.27
C2 DCZ A 1 -0.90 0.78 -0.90
N3 DCZ A 1 -1.08 2.02 -1.41
C4 DCZ A 1 -0.12 2.95 -1.35
C5 DCZ A 1 1.14 2.67 -0.73
C6 DCZ A 1 1.31 1.43 -0.20
O2 DCZ A 1 -1.80 -0.06 -0.99
N4 DCZ A 1 -0.36 4.16 -1.86
C1' DCZ A 1 0.49 -0.88 0.31
C2' DCZ A 1 1.36 -1.80 -0.56
C3' DCZ A 1 2.09 -2.65 0.47
C4' DCZ A 1 2.22 -1.68 1.64
O4' DCZ A 1 1.09 -0.82 1.59
O3' DCZ A 1 1.33 -3.77 0.88
C5' DCZ A 1 3.54 -0.89 1.58
O5' DCZ A 1 3.55 0.16 2.52
H3 DCZ A 1 -1.96 2.24 -1.85
H5 DCZ A 1 1.93 3.39 -0.65
H6 DCZ A 1 2.23 1.19 0.30
HN41 DCZ A 1 0.36 4.87 -1.81
HN42 DCZ A 1 -1.26 4.40 -2.25
H1' DCZ A 1 -0.50 -1.33 0.44
H2'1 DCZ A 1 2.07 -1.21 -1.14
H2'2 DCZ A 1 0.75 -2.40 -1.23
H3' DCZ A 1 3.09 -2.97 0.12
H4' DCZ A 1 2.21 -2.24 2.58
H5'1 DCZ A 1 4.38 -1.57 1.77
H5'2 DCZ A 1 3.67 -0.47 0.58
HO5' DCZ A 1 3.54 -0.22 3.41
NA NA B . -5.85 3.65 8.76
NA NA C . -10.87 0.31 -6.96
NA NA D . -0.52 5.79 6.37
NA NA E . -13.69 1.85 -1.13
NA NA F . -2.12 -6.33 -8.00
N1 DCZ A 1 0.27 0.21 0.01
C2 DCZ A 1 -0.93 0.47 -0.68
N3 DCZ A 1 -1.12 1.70 -1.24
C4 DCZ A 1 -0.18 2.65 -1.15
C5 DCZ A 1 1.06 2.42 -0.48
C6 DCZ A 1 1.24 1.19 0.08
O2 DCZ A 1 -1.80 -0.40 -0.78
N4 DCZ A 1 -0.42 3.85 -1.69
C1' DCZ A 1 0.48 -1.13 0.60
C2' DCZ A 1 1.47 -1.98 -0.21
C3' DCZ A 1 2.08 -2.92 0.83
C4' DCZ A 1 1.87 -2.16 2.14
O4' DCZ A 1 1.05 -1.02 1.88
O3' DCZ A 1 1.38 -4.14 0.91
C5' DCZ A 1 3.18 -1.69 2.79
O5' DCZ A 1 4.03 -2.78 3.08
H3 DCZ A 1 -1.99 1.88 -1.72
H5 DCZ A 1 1.84 3.16 -0.39
H6 DCZ A 1 2.16 0.98 0.60
HN41 DCZ A 1 0.27 4.58 -1.60
HN42 DCZ A 1 -1.30 4.05 -2.16
H1' DCZ A 1 -0.49 -1.63 0.69
H2'1 DCZ A 1 2.25 -1.36 -0.64
H2'2 DCZ A 1 0.96 -2.52 -1.02
H3' DCZ A 1 3.16 -3.12 0.64
H4' DCZ A 1 1.35 -2.81 2.85
H5'1 DCZ A 1 3.70 -1.01 2.11
H5'2 DCZ A 1 2.96 -1.16 3.71
HO5' DCZ A 1 3.55 -3.43 3.61
NA NA B . -13.96 0.53 -1.41
NA NA C . -5.53 3.35 -7.53
NA NA D . -1.36 7.05 7.32
NA NA E . -6.12 3.31 7.77
NA NA F . -10.51 0.31 -7.21
N1 DCZ A 1 0.21 0.11 -0.33
C2 DCZ A 1 -1.06 0.38 -0.87
N3 DCZ A 1 -1.27 1.58 -1.47
C4 DCZ A 1 -0.29 2.50 -1.56
C5 DCZ A 1 1.01 2.24 -1.03
C6 DCZ A 1 1.21 1.04 -0.44
O2 DCZ A 1 -1.96 -0.45 -0.83
N4 DCZ A 1 -0.55 3.67 -2.15
C1' DCZ A 1 0.44 -1.23 0.28
C2' DCZ A 1 1.26 -2.14 -0.63
C3' DCZ A 1 2.03 -3.04 0.35
C4' DCZ A 1 2.12 -2.16 1.60
O4' DCZ A 1 1.16 -1.10 1.50
O3' DCZ A 1 1.29 -4.21 0.65
C5' DCZ A 1 3.52 -1.57 1.82
O5' DCZ A 1 3.98 -0.83 0.69
H3 DCZ A 1 -2.19 1.77 -1.85
H5 DCZ A 1 1.82 2.94 -1.10
H6 DCZ A 1 2.19 0.80 -0.03
HN41 DCZ A 1 0.15 4.39 -2.17
HN42 DCZ A 1 -1.47 3.88 -2.52
H1' DCZ A 1 -0.53 -1.68 0.52
H2'1 DCZ A 1 1.97 -1.57 -1.23
H2'2 DCZ A 1 0.61 -2.72 -1.29
H3' DCZ A 1 3.03 -3.31 -0.03
H4' DCZ A 1 1.87 -2.76 2.47
H5'1 DCZ A 1 4.21 -2.37 2.03
H5'2 DCZ A 1 3.49 -0.90 2.68
HO5' DCZ A 1 4.24 -1.45 0.00
NA NA B . -14.24 1.21 -1.91
NA NA C . -10.44 0.82 -7.29
NA NA D . -6.22 4.34 8.27
NA NA E . -0.76 6.29 6.56
NA NA F . -6.09 -4.12 -7.69
N1 DCZ A 1 0.20 0.21 -0.31
C2 DCZ A 1 -1.07 0.50 -0.82
N3 DCZ A 1 -1.26 1.70 -1.46
C4 DCZ A 1 -0.25 2.57 -1.62
C5 DCZ A 1 1.06 2.26 -1.15
C6 DCZ A 1 1.24 1.09 -0.49
O2 DCZ A 1 -2.00 -0.29 -0.72
N4 DCZ A 1 -0.49 3.73 -2.25
C1' DCZ A 1 0.44 -1.13 0.29
C2' DCZ A 1 1.36 -1.98 -0.60
C3' DCZ A 1 2.06 -2.91 0.39
C4' DCZ A 1 2.04 -2.08 1.69
O4' DCZ A 1 1.08 -1.03 1.53
O3' DCZ A 1 1.32 -4.10 0.61
C5' DCZ A 1 3.41 -1.48 2.03
O5' DCZ A 1 3.92 -0.67 0.98
H3 DCZ A 1 -2.18 1.91 -1.82
H5 DCZ A 1 1.92 2.91 -1.29
H6 DCZ A 1 2.22 0.83 -0.13
HN41 DCZ A 1 -1.40 3.95 -2.62
HN42 DCZ A 1 0.25 4.42 -2.33
H1' DCZ A 1 -0.53 -1.61 0.44
H2'1 DCZ A 1 0.77 -2.51 -1.35
H2'2 DCZ A 1 2.11 -1.37 -1.10
H3' DCZ A 1 3.09 -3.15 0.08
H4' DCZ A 1 1.73 -2.71 2.51
H5'1 DCZ A 1 4.10 -2.30 2.21
H5'2 DCZ A 1 3.33 -0.88 2.93
HO5' DCZ A 1 4.83 -0.42 1.19
NA NA B . -12.99 0.32 -1.74
NA NA C . -10.20 0.71 -7.53
NA NA D . -6.72 3.51 7.82
NA NA E . -1.41 6.29 7.59
NA NA F . -6.02 -4.27 -7.63
N1 DCZ A 1 0.25 0.21 -0.14
C2 DCZ A 1 -1.00 0.52 -0.71
N3 DCZ A 1 -1.17 1.72 -1.31
C4 DCZ A 1 -0.16 2.61 -1.40
C5 DCZ A 1 1.13 2.30 -0.85
C6 DCZ A 1 1.28 1.12 -0.24
O2 DCZ A 1 -1.93 -0.28 -0.67
N4 DCZ A 1 -0.36 3.77 -2.02
C1' DCZ A 1 0.47 -1.14 0.43
C2' DCZ A 1 1.51 -1.94 -0.35
C3' DCZ A 1 2.11 -2.87 0.71
C4' DCZ A 1 1.92 -2.07 2.00
O4' DCZ A 1 0.95 -1.06 1.76
O3' DCZ A 1 1.36 -4.08 0.81
C5' DCZ A 1 3.23 -1.46 2.51
O5' DCZ A 1 3.81 -0.58 1.56
H3 DCZ A 1 -2.07 1.94 -1.71
H5 DCZ A 1 1.97 2.97 -0.93
H6 DCZ A 1 2.25 0.85 0.18
HN41 DCZ A 1 -1.28 4.03 -2.39
HN42 DCZ A 1 0.38 4.45 -2.05
H1' DCZ A 1 -0.49 -1.67 0.44
H2'1 DCZ A 1 1.06 -2.47 -1.18
H2'2 DCZ A 1 2.31 -1.30 -0.74
H3' DCZ A 1 3.18 -3.11 0.52
H4' DCZ A 1 1.54 -2.74 2.78
H5'1 DCZ A 1 3.93 -2.27 2.72
H5'2 DCZ A 1 3.04 -0.92 3.44
HO5' DCZ A 1 4.68 -0.32 1.87
NA NA B . -14.27 0.77 -1.48
NA NA C . -10.57 -0.20 -6.78
NA NA D . -1.55 6.51 7.57
NA NA E . -6.58 3.19 7.87
NA NA F . -2.15 -6.22 -8.14
N1 DCZ A 1 0.39 0.20 -0.43
C2 DCZ A 1 -0.86 0.51 -0.99
N3 DCZ A 1 -1.00 1.70 -1.64
C4 DCZ A 1 0.02 2.55 -1.76
C5 DCZ A 1 1.31 2.25 -1.21
C6 DCZ A 1 1.45 1.06 -0.56
O2 DCZ A 1 -1.81 -0.27 -0.91
N4 DCZ A 1 -0.16 3.70 -2.40
C1' DCZ A 1 0.52 -1.08 0.32
C2' DCZ A 1 1.24 -2.17 -0.48
C3' DCZ A 1 1.88 -3.03 0.62
C4' DCZ A 1 2.16 -1.99 1.71
O4' DCZ A 1 1.26 -0.90 1.51
O3' DCZ A 1 0.92 -3.94 1.14
C5' DCZ A 1 3.62 -1.51 1.74
O5' DCZ A 1 4.05 -0.99 0.49
H3 DCZ A 1 -1.90 1.92 -2.03
H5 DCZ A 1 2.16 2.91 -1.30
H6 DCZ A 1 2.40 0.79 -0.14
HN41 DCZ A 1 0.59 4.37 -2.46
HN42 DCZ A 1 -1.08 3.97 -2.76
H1' DCZ A 1 -0.49 -1.41 0.60
H2'1 DCZ A 1 2.03 -1.74 -1.11
H2'2 DCZ A 1 0.55 -2.74 -1.09
H3' DCZ A 1 2.80 -3.55 0.29
H4' DCZ A 1 1.95 -2.44 2.68
H5'1 DCZ A 1 3.72 -0.73 2.50
H5'2 DCZ A 1 4.26 -2.35 2.00
HO5' DCZ A 1 4.99 -0.80 0.54
NA NA B . -14.37 1.38 -1.83
NA NA C . -10.41 0.65 -7.46
NA NA D . -2.28 6.56 8.06
NA NA E . -8.45 2.61 8.26
NA NA F . 1.43 -7.85 1.94
N1 DCZ A 1 0.27 0.23 0.05
C2 DCZ A 1 -0.91 0.73 -0.52
N3 DCZ A 1 -0.91 1.98 -1.05
C4 DCZ A 1 0.22 2.72 -1.06
C5 DCZ A 1 1.44 2.22 -0.52
C6 DCZ A 1 1.43 0.98 0.01
O2 DCZ A 1 -1.94 0.04 -0.54
N4 DCZ A 1 0.19 3.95 -1.58
C1' DCZ A 1 0.26 -1.12 0.67
C2' DCZ A 1 1.05 -2.15 -0.14
C3' DCZ A 1 1.64 -3.09 0.90
C4' DCZ A 1 1.53 -2.28 2.21
O4' DCZ A 1 0.88 -1.05 1.93
O3' DCZ A 1 0.87 -4.26 1.02
C5' DCZ A 1 2.90 -2.01 2.84
O5' DCZ A 1 3.46 -3.20 3.35
H3 DCZ A 1 -1.76 2.34 -1.45
H5 DCZ A 1 2.36 2.79 -0.53
H6 DCZ A 1 2.33 0.56 0.43
HN41 DCZ A 1 -0.67 4.35 -1.95
HN42 DCZ A 1 1.03 4.52 -1.56
H1' DCZ A 1 -0.78 -1.45 0.81
H2'1 DCZ A 1 1.86 -1.67 -0.70
H2'2 DCZ A 1 0.39 -2.67 -0.85
H3' DCZ A 1 2.68 -3.35 0.68
H4' DCZ A 1 0.92 -2.83 2.93
H5'1 DCZ A 1 2.79 -1.28 3.65
H5'2 DCZ A 1 3.57 -1.59 2.09
HO5' DCZ A 1 3.44 -3.88 2.67
NA NA B . -15.78 3.48 2.85
NA NA C . -10.37 1.56 -7.37
NA NA D . -1.15 7.22 6.70
NA NA E . -5.26 3.25 9.08
NA NA F . -5.73 -1.83 -10.76
N1 DCZ A 1 0.16 0.30 -0.30
C2 DCZ A 1 -1.13 0.59 -0.75
N3 DCZ A 1 -1.37 1.81 -1.32
C4 DCZ A 1 -0.39 2.71 -1.47
C5 DCZ A 1 0.95 2.42 -1.03
C6 DCZ A 1 1.17 1.21 -0.46
O2 DCZ A 1 -2.06 -0.22 -0.64
N4 DCZ A 1 -0.65 3.87 -2.07
C1' DCZ A 1 0.41 -1.02 0.34
C2' DCZ A 1 1.22 -1.97 -0.54
C3' DCZ A 1 2.04 -2.78 0.47
C4' DCZ A 1 2.15 -1.84 1.66
O4' DCZ A 1 1.15 -0.83 1.53
O3' DCZ A 1 1.34 -3.95 0.88
C5' DCZ A 1 3.53 -1.20 1.81
O5' DCZ A 1 3.98 -0.57 0.63
H3 DCZ A 1 -2.29 2.01 -1.65
H5 DCZ A 1 1.77 3.12 -1.14
H6 DCZ A 1 2.17 0.96 -0.13
HN41 DCZ A 1 -1.60 4.09 -2.39
HN42 DCZ A 1 0.09 4.55 -2.21
H1' DCZ A 1 -0.55 -1.47 0.61
H2'1 DCZ A 1 1.91 -1.41 -1.19
H2'2 DCZ A 1 0.57 -2.60 -1.14
H3' DCZ A 1 3.04 -3.05 0.08
H4' DCZ A 1 1.93 -2.40 2.57
H5'1 DCZ A 1 3.51 -0.48 2.62
H5'2 DCZ A 1 4.25 -1.99 2.08
HO5' DCZ A 1 4.88 -0.29 0.74
NA NA B . -6.04 3.93 8.82
NA NA C . -10.60 0.72 -7.03
NA NA D . -0.61 6.70 1.41
NA NA E . -13.79 1.53 -1.12
NA NA F . 3.40 -7.28 0.21
N1 DCZ A 1 0.30 0.54 -0.40
C2 DCZ A 1 -0.91 0.78 -1.05
N3 DCZ A 1 -1.08 1.96 -1.70
C4 DCZ A 1 -0.11 2.87 -1.75
C5 DCZ A 1 1.16 2.64 -1.13
C6 DCZ A 1 1.33 1.46 -0.47
O2 DCZ A 1 -1.81 -0.07 -1.04
N4 DCZ A 1 -0.32 4.03 -2.37
C1' DCZ A 1 0.46 -0.74 0.33
C2' DCZ A 1 1.17 -1.81 -0.52
C3' DCZ A 1 1.93 -2.68 0.50
C4' DCZ A 1 1.69 -1.93 1.81
O4' DCZ A 1 1.27 -0.63 1.48
O3' DCZ A 1 1.39 -3.98 0.60
C5' DCZ A 1 2.92 -1.93 2.74
O5' DCZ A 1 3.19 -3.24 3.19
H3 DCZ A 1 -1.98 2.14 -2.15
H5 DCZ A 1 1.98 3.35 -1.15
H6 DCZ A 1 2.26 1.25 0.02
HN41 DCZ A 1 0.39 4.75 -2.36
HN42 DCZ A 1 -1.25 4.26 -2.74
H1' DCZ A 1 -0.54 -1.08 0.64
H2'1 DCZ A 1 1.90 -1.35 -1.19
H2'2 DCZ A 1 0.45 -2.39 -1.09
H3' DCZ A 1 3.02 -2.75 0.26
H4' DCZ A 1 0.87 -2.42 2.34
H5'1 DCZ A 1 3.78 -1.55 2.18
H5'2 DCZ A 1 2.73 -1.29 3.59
HO5' DCZ A 1 3.17 -3.85 2.43
NA NA B . -14.11 0.75 -1.56
NA NA C . -10.60 0.10 -7.32
NA NA D . -6.29 3.27 7.64
NA NA E . -2.91 4.73 10.45
NA NA F . -6.22 -4.66 -7.56
N1 DCZ A 1 0.41 0.40 -0.48
C2 DCZ A 1 -0.83 0.61 -1.10
N3 DCZ A 1 -1.01 1.75 -1.83
C4 DCZ A 1 -0.02 2.64 -1.99
C5 DCZ A 1 1.27 2.44 -1.38
C6 DCZ A 1 1.43 1.31 -0.65
O2 DCZ A 1 -1.74 -0.21 -0.99
N4 DCZ A 1 -0.23 3.73 -2.72
C1' DCZ A 1 0.60 -0.83 0.32
C2' DCZ A 1 1.23 -1.97 -0.51
C3' DCZ A 1 1.99 -2.77 0.54
C4' DCZ A 1 2.38 -1.69 1.56
O4' DCZ A 1 1.47 -0.60 1.42
O3' DCZ A 1 1.13 -3.69 1.20
C5' DCZ A 1 3.83 -1.20 1.41
O5' DCZ A 1 4.11 -0.71 0.11
H3 DCZ A 1 -1.90 1.90 -2.26
H5 DCZ A 1 2.09 3.14 -1.48
H6 DCZ A 1 2.39 1.12 -0.16
HN41 DCZ A 1 0.48 4.44 -2.79
HN42 DCZ A 1 -1.16 3.95 -3.08
H1' DCZ A 1 -0.38 -1.14 0.71
H2'1 DCZ A 1 1.92 -1.56 -1.24
H2'2 DCZ A 1 0.48 -2.56 -1.00
H3' DCZ A 1 2.89 -3.27 0.14
H4' DCZ A 1 2.27 -2.10 2.57
H5'1 DCZ A 1 4.49 -2.03 1.63
H5'2 DCZ A 1 4.02 -0.40 2.13
HO5' DCZ A 1 5.05 -0.53 0.04
NA NA B . -13.11 6.63 3.03
NA NA C . -10.47 0.51 -7.21
NA NA D . -6.73 2.94 8.23
NA NA E . -1.71 5.94 7.59
NA NA F . -14.35 1.62 -1.57
N1 DCZ A 1 -0.10 0.06 -0.51
C2 DCZ A 1 -1.37 0.19 -1.08
N3 DCZ A 1 -1.70 1.37 -1.70
C4 DCZ A 1 -0.81 2.38 -1.77
C5 DCZ A 1 0.51 2.26 -1.22
C6 DCZ A 1 0.82 1.08 -0.62
O2 DCZ A 1 -2.19 -0.72 -1.05
N4 DCZ A 1 -1.15 3.52 -2.37
C1' DCZ A 1 0.24 -1.19 0.23
C2' DCZ A 1 1.17 -2.12 -0.55
C3' DCZ A 1 1.99 -2.82 0.53
C4' DCZ A 1 2.02 -1.76 1.64
O4' DCZ A 1 0.93 -0.87 1.42
O3' DCZ A 1 1.31 -3.95 1.06
C5' DCZ A 1 3.35 -1.00 1.71
O5' DCZ A 1 3.74 -0.42 0.48
H3 DCZ A 1 -2.62 1.47 -2.10
H5 DCZ A 1 1.25 3.03 -1.27
H6 DCZ A 1 1.79 0.95 -0.19
HN41 DCZ A 1 -2.06 3.65 -2.80
HN42 DCZ A 1 -0.49 4.29 -2.37
H1' DCZ A 1 -0.69 -1.70 0.51
H2'1 DCZ A 1 1.85 -1.53 -1.19
H2'2 DCZ A 1 0.62 -2.82 -1.17
H3' DCZ A 1 3.00 -3.09 0.20
H4' DCZ A 1 1.87 -2.25 2.60
H5'1 DCZ A 1 3.28 -0.22 2.47
H5'2 DCZ A 1 4.13 -1.70 2.03
HO5' DCZ A 1 4.62 -0.07 0.56
NA NA B . -14.15 1.63 -0.82
NA NA C . -3.12 3.60 -6.03
NA NA D . -1.18 5.91 7.38
NA NA E . -6.54 2.99 8.24
NA NA F . -1.58 -6.47 -7.85
N1 DCZ A 1 0.27 0.19 -0.34
C2 DCZ A 1 -0.99 0.48 -0.89
N3 DCZ A 1 -1.19 1.69 -1.47
C4 DCZ A 1 -0.21 2.60 -1.55
C5 DCZ A 1 1.10 2.32 -1.03
C6 DCZ A 1 1.30 1.11 -0.45
O2 DCZ A 1 -1.90 -0.35 -0.85
N4 DCZ A 1 -0.43 3.78 -2.13
C1' DCZ A 1 0.50 -1.11 0.33
C2' DCZ A 1 1.39 -2.06 -0.46
C3' DCZ A 1 2.14 -2.85 0.61
C4' DCZ A 1 2.12 -1.90 1.81
O4' DCZ A 1 1.13 -0.91 1.58
O3' DCZ A 1 1.46 -4.02 0.98
C5' DCZ A 1 3.48 -1.25 2.08
O5' DCZ A 1 4.00 -0.56 0.96
H3 DCZ A 1 -2.10 1.90 -1.84
H5 DCZ A 1 1.92 3.02 -1.10
H6 DCZ A 1 2.26 0.87 -0.05
HN41 DCZ A 1 -1.35 4.02 -2.50
HN42 DCZ A 1 0.29 4.47 -2.16
H1' DCZ A 1 -0.47 -1.58 0.52
H2'1 DCZ A 1 2.11 -1.50 -1.07
H2'2 DCZ A 1 0.80 -2.71 -1.11
H3' DCZ A 1 3.18 -3.08 0.31
H4' DCZ A 1 1.83 -2.46 2.70
H5'1 DCZ A 1 3.40 -0.55 2.93
H5'2 DCZ A 1 4.19 -2.03 2.37
HO5' DCZ A 1 4.90 -0.29 1.15
NA NA B . -14.16 0.72 -1.54
NA NA C . -10.54 0.24 -6.92
NA NA D . -1.26 5.96 7.24
NA NA E . -6.62 3.10 8.16
NA NA F . -2.13 -6.23 -7.56
N1 DCZ A 1 0.76 0.50 -0.30
C2 DCZ A 1 -0.52 0.84 -0.74
N3 DCZ A 1 -0.70 2.07 -1.33
C4 DCZ A 1 0.33 2.91 -1.52
C5 DCZ A 1 1.65 2.56 -1.10
C6 DCZ A 1 1.82 1.36 -0.50
O2 DCZ A 1 -1.47 0.08 -0.60
N4 DCZ A 1 0.11 4.08 -2.11
C1' DCZ A 1 0.94 -0.81 0.37
C2' DCZ A 1 1.34 -1.91 -0.62
C3' DCZ A 1 2.27 -2.81 0.18
C4' DCZ A 1 2.84 -1.86 1.24
O4' DCZ A 1 1.96 -0.75 1.35
O3' DCZ A 1 1.56 -3.85 0.83
C5' DCZ A 1 4.27 -1.40 0.92
O5' DCZ A 1 4.38 -0.84 -0.37
H3 DCZ A 1 -1.63 2.32 -1.64
H5 DCZ A 1 2.50 3.21 -1.25
H6 DCZ A 1 2.81 1.07 -0.17
HN41 DCZ A 1 -0.82 4.39 -2.38
HN42 DCZ A 1 0.88 4.74 -2.21
H1' DCZ A 1 0.01 -1.09 0.88
H2'1 DCZ A 1 1.89 -1.48 -1.46
H2'2 DCZ A 1 0.46 -2.45 -0.98
H3' DCZ A 1 3.07 -3.23 -0.44
H4' DCZ A 1 2.86 -2.38 2.21
H5'1 DCZ A 1 4.94 -2.26 0.99
H5'2 DCZ A 1 4.58 -0.68 1.67
HO5' DCZ A 1 5.31 -0.64 -0.54
NA NA B . -14.11 1.54 -2.09
NA NA C . -10.26 0.43 -7.16
NA NA D . 3.04 -7.52 0.29
NA NA E . -7.10 2.51 8.60
NA NA F . -2.95 -7.71 -6.91
N1 DCZ A 1 0.66 -0.02 -0.68
C2 DCZ A 1 -0.65 0.36 -1.03
N3 DCZ A 1 -0.84 1.59 -1.57
C4 DCZ A 1 0.20 2.42 -1.80
C5 DCZ A 1 1.54 2.04 -1.49
C6 DCZ A 1 1.72 0.81 -0.94
O2 DCZ A 1 -1.60 -0.40 -0.84
N4 DCZ A 1 -0.02 3.65 -2.29
C1' DCZ A 1 0.89 -1.31 0.05
C2' DCZ A 1 1.73 -2.31 -0.74
C3' DCZ A 1 2.50 -3.06 0.34
C4' DCZ A 1 2.56 -2.06 1.49
O4' DCZ A 1 1.61 -1.03 1.23
O3' DCZ A 1 1.80 -4.20 0.81
C5' DCZ A 1 3.97 -1.44 1.68
O5' DCZ A 1 4.46 -0.85 0.48
H3 DCZ A 1 -1.78 1.87 -1.80
H5 DCZ A 1 2.39 2.67 -1.68
H6 DCZ A 1 2.72 0.50 -0.67
HN41 DCZ A 1 -0.96 3.98 -2.47
HN42 DCZ A 1 0.76 4.26 -2.43
H1' DCZ A 1 -0.08 -1.74 0.31
H2'1 DCZ A 1 2.45 -1.80 -1.40
H2'2 DCZ A 1 1.11 -2.97 -1.35
H3' DCZ A 1 3.51 -3.37 0.01
H4' DCZ A 1 2.30 -2.55 2.42
H5'1 DCZ A 1 3.92 -0.69 2.47
H5'2 DCZ A 1 4.65 -2.23 1.98
HO5' DCZ A 1 5.37 -0.59 0.63
NA NA B . -14.20 2.38 -1.48
NA NA C . -11.30 0.93 -7.32
NA NA D . -11.50 5.97 3.79
NA NA E . -4.06 2.26 9.66
NA NA F . -2.38 -5.81 -7.87
N1 DCZ A 1 0.27 0.11 0.13
C2 DCZ A 1 -0.93 0.46 -0.53
N3 DCZ A 1 -1.00 1.66 -1.16
C4 DCZ A 1 0.05 2.49 -1.18
C5 DCZ A 1 1.29 2.13 -0.56
C6 DCZ A 1 1.35 0.95 0.09
O2 DCZ A 1 -1.90 -0.31 -0.54
N4 DCZ A 1 -0.05 3.67 -1.81
C1' DCZ A 1 0.37 -1.24 0.76
C2' DCZ A 1 1.39 -2.13 0.04
C3' DCZ A 1 1.87 -3.11 1.11
C4' DCZ A 1 1.55 -2.35 2.42
O4' DCZ A 1 0.86 -1.15 2.08
O3' DCZ A 1 1.11 -4.31 1.10
C5' DCZ A 1 2.85 -2.07 3.18
O5' DCZ A 1 2.59 -1.47 4.44
H3 DCZ A 1 -1.86 1.91 -1.62
H5 DCZ A 1 2.17 2.75 -0.59
H6 DCZ A 1 2.27 0.65 0.57
HN41 DCZ A 1 -0.92 3.95 -2.26
HN42 DCZ A 1 0.73 4.30 -1.81
H1' DCZ A 1 -0.62 -1.71 0.78
H2'1 DCZ A 1 0.93 -2.62 -0.82
H2'2 DCZ A 1 2.25 -1.55 -0.30
H3' DCZ A 1 2.94 -3.34 1.03
H4' DCZ A 1 0.90 -2.96 3.04
H5'1 DCZ A 1 3.37 -3.01 3.35
H5'2 DCZ A 1 3.48 -1.40 2.59
HO5' DCZ A 1 3.42 -1.34 4.90
NA NA B . -14.03 0.63 -1.54
NA NA C . -10.75 0.03 -7.07
NA NA D . -6.00 3.96 8.50
NA NA E . -1.03 6.95 6.61
NA NA F . -5.26 -7.42 -5.66
N1 DCZ A 1 0.50 0.07 -0.14
C2 DCZ A 1 -0.69 0.49 -0.76
N3 DCZ A 1 -0.71 1.72 -1.36
C4 DCZ A 1 0.36 2.51 -1.38
C5 DCZ A 1 1.60 2.10 -0.78
C6 DCZ A 1 1.62 0.88 -0.18
O2 DCZ A 1 -1.68 -0.22 -0.77
N4 DCZ A 1 0.28 3.71 -1.95
C1' DCZ A 1 0.51 -1.26 0.53
C2' DCZ A 1 1.39 -2.30 -0.17
C3' DCZ A 1 1.88 -3.18 0.98
C4' DCZ A 1 1.95 -2.16 2.13
O4' DCZ A 1 1.02 -1.12 1.86
O3' DCZ A 1 0.92 -4.15 1.34
C5' DCZ A 1 3.36 -1.57 2.30
O5' DCZ A 1 4.26 -2.53 2.80
H3 DCZ A 1 -1.58 2.01 -1.80
H5 DCZ A 1 2.49 2.71 -0.79
H6 DCZ A 1 2.53 0.52 0.28
HN41 DCZ A 1 1.08 4.32 -1.96
HN42 DCZ A 1 -0.58 4.02 -2.41
H1' DCZ A 1 -0.52 -1.62 0.62
H2'1 DCZ A 1 2.24 -1.83 -0.66
H2'2 DCZ A 1 0.81 -2.87 -0.89
H3' DCZ A 1 2.86 -3.64 0.78
H4' DCZ A 1 1.67 -2.64 3.07
H5'1 DCZ A 1 3.72 -1.19 1.34
H5'2 DCZ A 1 3.31 -0.74 3.01
HO5' DCZ A 1 4.30 -3.28 2.20
NA NA B . -10.20 0.50 -7.39
NA NA C . -5.11 3.17 -7.93
NA NA D . -14.49 5.60 3.14
NA NA E . -5.99 4.08 8.73
NA NA F . -1.47 -5.74 -7.87
N1 DCZ A 1 0.31 -0.04 -0.42
C2 DCZ A 1 -0.90 0.21 -1.06
N3 DCZ A 1 -1.06 1.38 -1.74
C4 DCZ A 1 -0.05 2.28 -1.81
C5 DCZ A 1 1.22 2.01 -1.21
C6 DCZ A 1 1.35 0.84 -0.53
O2 DCZ A 1 -1.83 -0.60 -1.02
N4 DCZ A 1 -0.25 3.43 -2.45
C1' DCZ A 1 0.46 -1.33 0.31
C2' DCZ A 1 1.34 -2.33 -0.46
C3' DCZ A 1 1.91 -3.22 0.65
C4' DCZ A 1 1.89 -2.29 1.86
O4' DCZ A 1 1.12 -1.13 1.55
O3' DCZ A 1 1.05 -4.33 0.90
C5' DCZ A 1 3.30 -1.84 2.28
O5' DCZ A 1 4.11 -2.94 2.62
H3 DCZ A 1 -1.94 1.58 -2.18
H5 DCZ A 1 2.06 2.69 -1.26
H6 DCZ A 1 2.30 0.61 -0.05
HN41 DCZ A 1 0.48 4.12 -2.48
HN42 DCZ A 1 -1.18 3.67 -2.82
H1' DCZ A 1 -0.54 -1.75 0.51
H2'1 DCZ A 1 2.16 -1.82 -0.96
H2'2 DCZ A 1 0.75 -2.89 -1.19
H3' DCZ A 1 2.93 -3.58 0.41
H4' DCZ A 1 1.44 -2.81 2.70
H5'1 DCZ A 1 3.22 -1.17 3.14
H5'2 DCZ A 1 3.76 -1.29 1.46
HO5' DCZ A 1 3.67 -3.45 3.30
NA NA B . -14.32 1.92 -1.65
NA NA C . -10.82 0.46 -6.97
NA NA D . -6.48 5.48 7.79
NA NA E . -0.36 6.04 3.31
NA NA F . -6.38 -4.26 -7.59
N1 DCZ A 1 0.55 0.09 -0.52
C2 DCZ A 1 -0.76 0.48 -0.85
N3 DCZ A 1 -0.94 1.69 -1.45
C4 DCZ A 1 0.09 2.49 -1.75
C5 DCZ A 1 1.43 2.09 -1.46
C6 DCZ A 1 1.62 0.90 -0.84
O2 DCZ A 1 -1.72 -0.24 -0.61
N4 DCZ A 1 -0.14 3.68 -2.32
C1' DCZ A 1 0.78 -1.23 0.10
C2' DCZ A 1 1.69 -2.15 -0.72
C3' DCZ A 1 2.39 -2.98 0.36
C4' DCZ A 1 2.50 -1.97 1.50
O4' DCZ A 1 1.39 -1.09 1.38
O3' DCZ A 1 1.59 -4.07 0.79
C5' DCZ A 1 3.83 -1.21 1.43
O5' DCZ A 1 3.86 -0.14 2.35
H3 DCZ A 1 -1.88 1.97 -1.68
H5 DCZ A 1 2.31 2.67 -1.71
H6 DCZ A 1 2.62 0.59 -0.60
HN41 DCZ A 1 -1.08 4.00 -2.51
HN42 DCZ A 1 0.64 4.28 -2.53
H1' DCZ A 1 -0.20 -1.71 0.26
H2'1 DCZ A 1 1.12 -2.73 -1.43
H2'2 DCZ A 1 2.44 -1.58 -1.26
H3' DCZ A 1 3.39 -3.35 0.04
H4' DCZ A 1 2.44 -2.48 2.46
H5'1 DCZ A 1 3.99 -0.81 0.42
H5'2 DCZ A 1 4.64 -1.89 1.65
HO5' DCZ A 1 3.87 -0.49 3.24
NA NA B . -14.32 1.69 -2.12
NA NA C . -10.70 0.06 -6.70
NA NA D . -0.82 7.01 7.89
NA NA E . -9.07 3.39 8.33
NA NA F . -2.24 -5.79 -7.99
#